data_5T50
#
_entry.id   5T50
#
_cell.length_a   45.991
_cell.length_b   58.004
_cell.length_c   190.546
_cell.angle_alpha   90.000
_cell.angle_beta   90.000
_cell.angle_gamma   90.000
#
_symmetry.space_group_name_H-M   'P 21 21 21'
#
loop_
_entity.id
_entity.type
_entity.pdbx_description
1 polymer Lectin
2 non-polymer 'CALCIUM ION'
3 non-polymer 1,2-ETHANEDIOL
4 water water
#
_entity_poly.entity_id   1
_entity_poly.type   'polypeptide(L)'
_entity_poly.pdbx_seq_one_letter_code
;SELSFNYPNFQSVEDITFQGGASPRNETLQLTPTDSNGIPIRQRAGHAVYSQPFQLRDTSFYTTFTFVIRTTSNSPADGF
AIFIAPPDFPVKRYGGYLGLFEPNTATNTSANKVVAVEFDTWVNTEWKEPRYRHIGIDVNSIVSVRVTRWQDKDVFSRSI
ATAHVGYDGISKILTAFVTYPDGGNYVLSHVVDLAEIFPGDVRIGFSGATGQYETQYIHSWSFSSTSTNLLRDGARHHHH
HH
;
_entity_poly.pdbx_strand_id   A,B
#
# COMPACT_ATOMS: atom_id res chain seq x y z
N SER A 1 12.10 9.24 -13.13
CA SER A 1 13.38 9.71 -12.49
C SER A 1 13.32 9.45 -11.00
N GLU A 2 14.47 9.62 -10.32
CA GLU A 2 14.64 9.39 -8.90
C GLU A 2 14.52 10.67 -8.07
N LEU A 3 13.65 10.65 -7.11
CA LEU A 3 13.36 11.76 -6.26
C LEU A 3 12.94 11.14 -4.94
N SER A 4 13.42 11.68 -3.83
CA SER A 4 12.85 11.35 -2.53
CA SER A 4 12.98 11.29 -2.48
C SER A 4 12.82 12.53 -1.61
N PHE A 5 11.85 12.51 -0.71
CA PHE A 5 11.68 13.57 0.22
C PHE A 5 10.94 13.05 1.44
N ASN A 6 11.08 13.76 2.55
CA ASN A 6 10.53 13.27 3.82
C ASN A 6 10.23 14.44 4.73
N TYR A 7 8.94 14.55 5.09
CA TYR A 7 8.45 15.51 6.07
C TYR A 7 7.81 14.77 7.23
N PRO A 8 8.57 14.54 8.32
CA PRO A 8 7.95 13.87 9.48
C PRO A 8 6.83 14.70 10.12
N ASN A 9 6.95 16.00 9.89
CA ASN A 9 5.94 17.03 10.20
C ASN A 9 6.30 18.20 9.23
N PHE A 10 5.53 19.26 9.34
CA PHE A 10 5.72 20.46 8.53
C PHE A 10 6.13 21.67 9.35
N GLN A 11 6.97 21.41 10.35
CA GLN A 11 7.68 22.49 11.06
CA GLN A 11 7.58 22.54 11.05
C GLN A 11 8.37 23.37 10.03
N SER A 12 9.00 22.69 9.07
CA SER A 12 9.54 23.35 7.86
C SER A 12 8.63 23.02 6.68
N VAL A 13 8.34 24.06 5.86
CA VAL A 13 7.64 23.91 4.60
C VAL A 13 8.54 24.27 3.46
N GLU A 14 9.84 24.19 3.73
CA GLU A 14 10.81 24.30 2.62
C GLU A 14 10.46 23.23 1.58
N ASP A 15 10.48 23.65 0.32
CA ASP A 15 10.25 22.80 -0.84
C ASP A 15 8.76 22.49 -1.07
N ILE A 16 7.86 23.14 -0.35
CA ILE A 16 6.44 23.06 -0.62
C ILE A 16 5.96 24.37 -1.25
N THR A 17 5.22 24.24 -2.37
CA THR A 17 4.60 25.37 -3.03
C THR A 17 3.11 25.37 -2.70
N PHE A 18 2.65 26.49 -2.14
CA PHE A 18 1.22 26.68 -1.83
C PHE A 18 0.54 27.48 -2.90
N GLN A 19 -0.71 27.13 -3.20
CA GLN A 19 -1.52 27.97 -4.03
C GLN A 19 -2.93 28.03 -3.55
N GLY A 20 -3.64 29.11 -3.88
CA GLY A 20 -4.99 29.18 -3.43
C GLY A 20 -5.09 29.42 -1.92
N GLY A 21 -5.99 28.68 -1.30
CA GLY A 21 -6.26 28.78 0.09
C GLY A 21 -5.47 27.94 1.02
N ALA A 22 -4.44 27.22 0.51
CA ALA A 22 -3.67 26.34 1.37
C ALA A 22 -2.54 27.13 2.01
N SER A 23 -2.12 26.73 3.22
CA SER A 23 -1.10 27.41 3.96
C SER A 23 -0.50 26.52 5.04
N PRO A 24 0.63 26.89 5.55
CA PRO A 24 1.16 26.14 6.71
C PRO A 24 0.41 26.49 7.97
N ARG A 25 0.07 25.54 8.80
CA ARG A 25 -0.49 25.86 10.10
CA ARG A 25 -0.55 25.82 10.13
C ARG A 25 -0.13 24.79 11.13
N ASN A 26 0.47 25.23 12.22
CA ASN A 26 0.71 24.31 13.35
C ASN A 26 1.42 23.00 12.89
N GLU A 27 2.46 23.16 12.10
CA GLU A 27 3.27 22.05 11.65
C GLU A 27 2.53 21.06 10.73
N THR A 28 1.43 21.55 10.13
CA THR A 28 0.68 20.76 9.13
C THR A 28 0.54 21.60 7.84
N LEU A 29 0.09 20.94 6.78
CA LEU A 29 -0.42 21.64 5.60
C LEU A 29 -1.93 21.76 5.74
N GLN A 30 -2.43 23.00 5.83
CA GLN A 30 -3.85 23.24 5.93
C GLN A 30 -4.38 23.54 4.51
N LEU A 31 -5.20 22.66 3.94
CA LEU A 31 -5.48 22.72 2.49
C LEU A 31 -6.51 23.78 2.13
N THR A 32 -7.42 24.15 3.05
CA THR A 32 -8.42 25.18 2.78
C THR A 32 -8.48 26.08 3.97
N PRO A 33 -8.87 27.33 3.74
CA PRO A 33 -8.63 28.36 4.75
C PRO A 33 -9.73 28.39 5.80
N THR A 34 -9.39 28.94 6.96
CA THR A 34 -10.32 29.21 8.06
C THR A 34 -10.25 30.77 8.34
N ASP A 35 -11.40 31.26 8.81
CA ASP A 35 -11.53 32.67 9.18
C ASP A 35 -10.96 32.95 10.56
N SER A 36 -11.10 34.19 11.04
CA SER A 36 -10.54 34.58 12.36
C SER A 36 -11.24 33.93 13.54
N ASN A 37 -12.39 33.33 13.28
CA ASN A 37 -13.13 32.55 14.25
C ASN A 37 -12.82 31.06 14.18
N GLY A 38 -11.91 30.72 13.29
CA GLY A 38 -11.57 29.29 13.06
C GLY A 38 -12.57 28.52 12.23
N ILE A 39 -13.48 29.24 11.57
CA ILE A 39 -14.55 28.62 10.84
C ILE A 39 -14.13 28.44 9.35
N PRO A 40 -14.33 27.22 8.82
CA PRO A 40 -13.98 27.03 7.42
C PRO A 40 -14.63 28.05 6.50
N ILE A 41 -13.84 28.60 5.59
CA ILE A 41 -14.31 29.53 4.60
C ILE A 41 -14.93 28.77 3.41
N ARG A 42 -16.15 29.11 3.04
CA ARG A 42 -16.86 28.45 1.96
C ARG A 42 -16.28 28.80 0.59
N GLN A 43 -16.41 27.84 -0.35
CA GLN A 43 -16.07 28.12 -1.73
C GLN A 43 -14.60 28.48 -1.93
N ARG A 44 -13.70 27.67 -1.36
N ARG A 44 -13.66 27.61 -1.45
CA ARG A 44 -12.29 27.86 -1.64
CA ARG A 44 -12.26 27.88 -1.53
C ARG A 44 -11.67 26.53 -2.06
C ARG A 44 -11.53 26.59 -1.84
N ALA A 45 -10.55 26.68 -2.73
CA ALA A 45 -9.66 25.58 -3.04
C ALA A 45 -8.24 25.97 -2.73
N GLY A 46 -7.43 24.96 -2.40
CA GLY A 46 -6.04 25.17 -2.16
C GLY A 46 -5.19 23.99 -2.56
N HIS A 47 -3.94 24.28 -2.92
CA HIS A 47 -2.95 23.22 -3.24
C HIS A 47 -1.71 23.40 -2.40
N ALA A 48 -1.12 22.26 -2.05
CA ALA A 48 0.19 22.24 -1.48
C ALA A 48 0.96 21.17 -2.17
N VAL A 49 2.00 21.54 -2.94
CA VAL A 49 2.67 20.60 -3.85
C VAL A 49 4.19 20.63 -3.59
N TYR A 50 4.84 19.47 -3.79
CA TYR A 50 6.28 19.45 -3.67
C TYR A 50 6.83 20.21 -4.88
N SER A 51 7.75 21.15 -4.61
CA SER A 51 8.12 22.10 -5.61
CA SER A 51 8.14 22.13 -5.62
C SER A 51 8.88 21.54 -6.83
N GLN A 52 9.69 20.50 -6.61
CA GLN A 52 10.49 19.94 -7.64
C GLN A 52 9.76 18.90 -8.50
N PRO A 53 9.74 19.11 -9.83
CA PRO A 53 9.17 18.08 -10.67
C PRO A 53 10.02 16.83 -10.77
N PHE A 54 9.32 15.78 -11.21
CA PHE A 54 9.96 14.52 -11.58
C PHE A 54 9.32 13.95 -12.82
N GLN A 55 9.97 12.92 -13.40
CA GLN A 55 9.49 12.27 -14.62
C GLN A 55 8.97 10.89 -14.29
N LEU A 56 7.98 10.42 -15.04
CA LEU A 56 7.36 9.13 -14.81
C LEU A 56 7.80 8.04 -15.78
N ARG A 57 8.59 8.33 -16.82
CA ARG A 57 9.00 7.27 -17.68
C ARG A 57 9.89 6.27 -16.95
N ASP A 58 9.59 5.01 -17.12
CA ASP A 58 10.40 3.94 -16.50
C ASP A 58 10.64 4.09 -14.99
N THR A 59 9.57 4.44 -14.31
CA THR A 59 9.61 4.84 -12.89
C THR A 59 8.50 4.16 -12.09
N SER A 60 8.85 3.71 -10.87
CA SER A 60 7.88 3.32 -9.85
C SER A 60 7.99 4.35 -8.73
N PHE A 61 6.92 4.50 -7.98
CA PHE A 61 6.99 5.36 -6.79
C PHE A 61 6.14 4.85 -5.61
N TYR A 62 6.51 5.32 -4.42
CA TYR A 62 5.78 5.06 -3.19
C TYR A 62 5.69 6.36 -2.44
N THR A 63 4.50 6.63 -1.95
CA THR A 63 4.30 7.82 -1.12
C THR A 63 3.33 7.48 0.00
N THR A 64 3.53 8.08 1.15
CA THR A 64 2.64 7.92 2.27
C THR A 64 2.49 9.25 2.95
N PHE A 65 1.30 9.46 3.51
CA PHE A 65 1.00 10.67 4.25
C PHE A 65 0.04 10.37 5.37
N THR A 66 0.03 11.25 6.38
CA THR A 66 -1.02 11.17 7.38
C THR A 66 -1.89 12.42 7.30
N PHE A 67 -3.15 12.27 7.63
CA PHE A 67 -4.13 13.36 7.42
C PHE A 67 -5.20 13.34 8.48
N VAL A 68 -5.83 14.52 8.69
CA VAL A 68 -7.00 14.67 9.53
C VAL A 68 -8.02 15.49 8.76
N ILE A 69 -9.26 15.08 8.82
CA ILE A 69 -10.41 15.89 8.35
C ILE A 69 -11.10 16.37 9.62
N ARG A 70 -11.20 17.70 9.73
CA ARG A 70 -11.90 18.34 10.87
C ARG A 70 -13.22 18.81 10.33
N THR A 71 -14.30 18.26 10.84
CA THR A 71 -15.64 18.60 10.43
C THR A 71 -16.31 19.33 11.59
N THR A 72 -17.21 20.23 11.25
CA THR A 72 -17.91 20.99 12.25
C THR A 72 -19.45 20.88 12.06
N SER A 73 -19.87 19.98 11.19
CA SER A 73 -21.25 19.64 11.01
C SER A 73 -21.38 18.23 10.41
N ASN A 74 -22.61 17.73 10.34
CA ASN A 74 -22.95 16.45 9.71
C ASN A 74 -22.89 16.46 8.18
N SER A 75 -22.77 17.67 7.64
CA SER A 75 -22.72 17.91 6.21
C SER A 75 -21.46 18.60 5.73
N PRO A 76 -20.30 17.99 5.95
CA PRO A 76 -19.09 18.63 5.46
C PRO A 76 -18.93 18.53 3.93
N ALA A 77 -18.15 19.44 3.39
CA ALA A 77 -17.82 19.39 1.99
C ALA A 77 -16.52 20.15 1.77
N ASP A 78 -15.68 19.77 0.80
CA ASP A 78 -15.93 18.76 -0.24
C ASP A 78 -14.97 17.57 -0.24
N GLY A 79 -13.86 17.70 0.44
CA GLY A 79 -12.84 16.65 0.51
C GLY A 79 -11.48 17.15 0.04
N PHE A 80 -10.59 16.18 -0.23
CA PHE A 80 -9.27 16.53 -0.76
C PHE A 80 -8.74 15.39 -1.59
N ALA A 81 -7.60 15.60 -2.23
CA ALA A 81 -6.98 14.56 -3.03
C ALA A 81 -5.48 14.73 -3.01
N ILE A 82 -4.74 13.59 -3.19
CA ILE A 82 -3.35 13.66 -3.58
C ILE A 82 -3.38 13.51 -5.12
N PHE A 83 -2.61 14.30 -5.82
CA PHE A 83 -2.68 14.29 -7.27
C PHE A 83 -1.34 14.51 -7.91
N ILE A 84 -1.27 14.10 -9.19
CA ILE A 84 -0.14 14.28 -10.07
C ILE A 84 -0.65 15.06 -11.30
N ALA A 85 0.13 16.07 -11.70
CA ALA A 85 -0.27 16.93 -12.81
C ALA A 85 1.01 17.59 -13.28
N PRO A 86 0.96 18.18 -14.50
CA PRO A 86 2.07 18.94 -14.95
C PRO A 86 2.44 20.11 -14.05
N PRO A 87 3.74 20.57 -14.17
CA PRO A 87 4.15 21.56 -13.15
C PRO A 87 3.54 22.95 -13.22
N ASP A 88 2.79 23.23 -14.30
CA ASP A 88 2.10 24.52 -14.43
C ASP A 88 0.61 24.46 -14.07
N PHE A 89 0.21 23.41 -13.38
CA PHE A 89 -1.16 23.22 -13.02
C PHE A 89 -1.63 24.21 -12.00
N PRO A 90 -2.68 24.98 -12.36
CA PRO A 90 -3.15 26.02 -11.40
C PRO A 90 -4.23 25.47 -10.47
N VAL A 91 -4.56 26.23 -9.44
CA VAL A 91 -5.73 25.93 -8.64
C VAL A 91 -7.00 26.05 -9.46
N LYS A 92 -7.77 24.99 -9.55
CA LYS A 92 -9.01 24.98 -10.32
C LYS A 92 -10.23 25.18 -9.42
N ARG A 93 -11.42 24.76 -9.81
CA ARG A 93 -12.58 25.22 -9.16
C ARG A 93 -12.80 24.58 -7.77
N TYR A 94 -13.31 25.39 -6.85
CA TYR A 94 -13.68 24.97 -5.53
C TYR A 94 -14.94 24.10 -5.55
N GLY A 95 -15.42 23.76 -4.36
CA GLY A 95 -16.52 22.85 -4.26
C GLY A 95 -16.23 21.43 -4.72
N GLY A 96 -17.18 20.79 -5.41
CA GLY A 96 -17.03 19.36 -5.74
C GLY A 96 -15.97 19.09 -6.80
N TYR A 97 -15.46 20.14 -7.48
CA TYR A 97 -14.35 19.99 -8.39
C TYR A 97 -13.03 19.72 -7.69
N LEU A 98 -13.00 19.92 -6.36
CA LEU A 98 -11.83 19.54 -5.53
C LEU A 98 -10.56 20.26 -5.83
N GLY A 99 -10.68 21.44 -6.47
CA GLY A 99 -9.57 22.23 -6.86
C GLY A 99 -8.82 21.70 -8.10
N LEU A 100 -9.37 20.65 -8.74
CA LEU A 100 -8.67 19.89 -9.76
C LEU A 100 -9.29 19.98 -11.19
N PHE A 101 -10.51 20.49 -11.26
CA PHE A 101 -11.28 20.52 -12.53
C PHE A 101 -12.06 21.83 -12.61
N GLU A 102 -12.55 22.09 -13.84
CA GLU A 102 -13.41 23.28 -14.11
C GLU A 102 -14.74 22.76 -14.59
N PRO A 103 -15.81 23.55 -14.39
CA PRO A 103 -17.12 23.09 -14.82
C PRO A 103 -17.30 22.61 -16.24
N ASN A 104 -16.67 23.28 -17.18
CA ASN A 104 -17.07 22.90 -18.58
C ASN A 104 -16.41 21.64 -19.16
N THR A 105 -15.52 21.08 -18.41
CA THR A 105 -14.63 20.07 -18.94
C THR A 105 -14.33 19.03 -17.90
N ALA A 106 -14.96 19.10 -16.74
CA ALA A 106 -14.59 18.22 -15.61
C ALA A 106 -14.84 16.73 -15.89
N THR A 107 -15.75 16.38 -16.80
CA THR A 107 -16.03 14.99 -17.12
C THR A 107 -15.48 14.54 -18.46
N ASN A 108 -14.66 15.39 -19.07
CA ASN A 108 -14.11 15.12 -20.37
C ASN A 108 -12.68 14.68 -20.23
N THR A 109 -12.41 13.37 -20.44
CA THR A 109 -11.03 12.88 -20.25
C THR A 109 -10.05 13.45 -21.25
N SER A 110 -10.53 13.93 -22.41
CA SER A 110 -9.62 14.52 -23.37
CA SER A 110 -9.58 14.48 -23.36
C SER A 110 -9.18 15.95 -23.04
N ALA A 111 -9.88 16.56 -22.07
CA ALA A 111 -9.65 17.95 -21.72
C ALA A 111 -8.87 18.18 -20.44
N ASN A 112 -8.49 17.07 -19.81
CA ASN A 112 -7.72 17.15 -18.56
C ASN A 112 -6.48 16.28 -18.56
N LYS A 113 -5.48 16.68 -17.76
CA LYS A 113 -4.26 15.88 -17.56
C LYS A 113 -3.94 15.91 -16.08
N VAL A 114 -4.60 15.01 -15.33
CA VAL A 114 -4.47 14.97 -13.85
C VAL A 114 -4.96 13.60 -13.41
N VAL A 115 -4.16 13.01 -12.50
CA VAL A 115 -4.52 11.71 -11.88
C VAL A 115 -4.50 11.96 -10.37
N ALA A 116 -5.52 11.42 -9.69
CA ALA A 116 -5.68 11.71 -8.26
C ALA A 116 -6.22 10.51 -7.51
N VAL A 117 -5.94 10.49 -6.19
CA VAL A 117 -6.69 9.66 -5.27
C VAL A 117 -7.48 10.64 -4.40
N GLU A 118 -8.82 10.58 -4.49
CA GLU A 118 -9.69 11.53 -3.84
C GLU A 118 -10.38 10.94 -2.60
N PHE A 119 -10.61 11.81 -1.64
CA PHE A 119 -11.29 11.53 -0.38
C PHE A 119 -12.48 12.47 -0.39
N ASP A 120 -13.66 11.93 -0.74
CA ASP A 120 -14.81 12.77 -1.18
C ASP A 120 -15.88 12.73 -0.09
N THR A 121 -16.05 13.86 0.60
CA THR A 121 -17.03 13.95 1.70
C THR A 121 -18.42 14.38 1.35
N TRP A 122 -18.64 14.75 0.09
CA TRP A 122 -19.90 15.38 -0.31
C TRP A 122 -20.39 14.78 -1.63
N VAL A 123 -21.57 14.19 -1.58
CA VAL A 123 -22.16 13.54 -2.74
C VAL A 123 -22.71 14.63 -3.68
N ASN A 124 -22.09 14.69 -4.87
CA ASN A 124 -22.49 15.64 -5.92
C ASN A 124 -23.54 15.02 -6.83
N THR A 125 -24.54 15.81 -7.27
CA THR A 125 -25.47 15.31 -8.25
C THR A 125 -25.21 15.92 -9.65
N GLU A 126 -24.25 16.82 -9.78
CA GLU A 126 -23.93 17.44 -11.01
C GLU A 126 -23.18 16.55 -12.02
N TRP A 127 -22.64 15.43 -11.50
CA TRP A 127 -22.02 14.39 -12.30
C TRP A 127 -22.29 13.09 -11.57
N LYS A 128 -21.86 11.98 -12.17
CA LYS A 128 -22.09 10.68 -11.53
C LYS A 128 -21.10 10.34 -10.46
N GLU A 129 -21.59 10.19 -9.26
CA GLU A 129 -20.81 9.57 -8.19
C GLU A 129 -21.68 8.82 -7.23
N PRO A 130 -21.05 7.98 -6.36
CA PRO A 130 -21.87 7.21 -5.45
C PRO A 130 -22.72 8.04 -4.51
N ARG A 131 -23.80 7.45 -4.02
CA ARG A 131 -24.68 8.13 -3.10
C ARG A 131 -24.26 8.00 -1.63
N TYR A 132 -22.97 7.91 -1.38
CA TYR A 132 -22.36 7.86 -0.08
C TYR A 132 -20.94 8.44 -0.23
N ARG A 133 -20.39 8.86 0.88
CA ARG A 133 -19.03 9.28 0.90
C ARG A 133 -18.10 8.19 0.37
N HIS A 134 -17.01 8.60 -0.28
CA HIS A 134 -16.21 7.62 -1.02
C HIS A 134 -14.79 8.08 -1.23
N ILE A 135 -13.92 7.05 -1.45
CA ILE A 135 -12.54 7.23 -1.84
C ILE A 135 -12.47 6.72 -3.27
N GLY A 136 -11.77 7.47 -4.13
CA GLY A 136 -11.70 7.13 -5.53
C GLY A 136 -10.40 7.37 -6.19
N ILE A 137 -10.17 6.67 -7.31
CA ILE A 137 -9.09 7.00 -8.22
C ILE A 137 -9.69 7.75 -9.47
N ASP A 138 -9.11 8.92 -9.72
CA ASP A 138 -9.57 9.78 -10.79
C ASP A 138 -8.48 9.81 -11.85
N VAL A 139 -8.88 9.59 -13.12
CA VAL A 139 -7.98 9.67 -14.26
C VAL A 139 -8.60 10.62 -15.31
N ASN A 140 -8.13 11.86 -15.25
CA ASN A 140 -8.53 12.93 -16.18
C ASN A 140 -9.99 13.24 -16.14
N SER A 141 -10.68 12.99 -15.04
CA SER A 141 -12.10 13.25 -14.89
C SER A 141 -12.45 13.27 -13.41
N ILE A 142 -13.44 14.10 -13.05
CA ILE A 142 -14.03 14.12 -11.70
C ILE A 142 -14.90 12.91 -11.40
N VAL A 143 -15.25 12.13 -12.44
CA VAL A 143 -16.02 10.89 -12.29
C VAL A 143 -14.96 9.79 -12.12
N SER A 144 -14.85 9.27 -10.92
CA SER A 144 -13.84 8.28 -10.60
C SER A 144 -13.97 7.02 -11.44
N VAL A 145 -12.81 6.51 -11.84
CA VAL A 145 -12.71 5.23 -12.61
C VAL A 145 -12.82 4.01 -11.64
N ARG A 146 -12.44 4.19 -10.36
CA ARG A 146 -12.53 3.13 -9.34
C ARG A 146 -12.92 3.85 -8.06
N VAL A 147 -13.93 3.36 -7.37
CA VAL A 147 -14.43 4.11 -6.22
C VAL A 147 -14.92 3.09 -5.21
N THR A 148 -14.81 3.45 -3.93
CA THR A 148 -15.30 2.57 -2.87
C THR A 148 -15.90 3.38 -1.73
N ARG A 149 -16.87 2.81 -1.02
CA ARG A 149 -17.46 3.47 0.08
C ARG A 149 -16.50 3.80 1.17
N TRP A 150 -16.58 5.03 1.66
CA TRP A 150 -15.82 5.51 2.78
C TRP A 150 -16.72 5.65 3.99
N GLN A 151 -16.45 4.83 5.02
CA GLN A 151 -17.41 4.73 6.11
C GLN A 151 -17.50 5.99 6.91
N ASP A 152 -18.73 6.40 7.26
CA ASP A 152 -18.92 7.60 8.06
C ASP A 152 -18.20 7.59 9.36
N LYS A 153 -18.09 6.39 10.02
CA LYS A 153 -17.32 6.33 11.29
C LYS A 153 -15.90 6.83 11.08
N ASP A 154 -15.30 6.46 9.93
CA ASP A 154 -13.95 6.92 9.64
C ASP A 154 -13.92 8.40 9.23
N VAL A 155 -14.83 8.81 8.35
CA VAL A 155 -14.90 10.24 7.94
C VAL A 155 -14.90 11.21 9.13
N PHE A 156 -15.75 10.86 10.13
CA PHE A 156 -15.96 11.70 11.28
C PHE A 156 -15.13 11.37 12.51
N SER A 157 -14.14 10.47 12.38
CA SER A 157 -13.43 9.95 13.53
C SER A 157 -12.53 10.94 14.21
N ARG A 158 -12.11 12.01 13.52
CA ARG A 158 -11.07 12.94 14.00
C ARG A 158 -9.71 12.31 14.20
N SER A 159 -9.57 11.09 13.63
CA SER A 159 -8.31 10.36 13.76
C SER A 159 -7.28 10.87 12.78
N ILE A 160 -6.02 10.69 13.13
CA ILE A 160 -4.94 10.81 12.19
C ILE A 160 -4.90 9.53 11.38
N ALA A 161 -5.33 9.61 10.13
CA ALA A 161 -5.40 8.47 9.24
C ALA A 161 -4.17 8.45 8.36
N THR A 162 -3.90 7.29 7.73
CA THR A 162 -2.79 7.16 6.88
C THR A 162 -3.21 6.72 5.47
N ALA A 163 -2.50 7.24 4.47
CA ALA A 163 -2.63 6.76 3.07
C ALA A 163 -1.28 6.31 2.58
N HIS A 164 -1.32 5.25 1.80
CA HIS A 164 -0.20 4.76 1.08
C HIS A 164 -0.59 4.73 -0.41
N VAL A 165 0.18 5.39 -1.28
CA VAL A 165 -0.13 5.39 -2.74
C VAL A 165 1.15 4.94 -3.45
N GLY A 166 1.01 3.91 -4.27
CA GLY A 166 2.13 3.37 -4.99
C GLY A 166 1.81 3.22 -6.45
N TYR A 167 2.86 3.29 -7.26
CA TYR A 167 2.72 3.03 -8.68
C TYR A 167 3.85 2.06 -9.09
N ASP A 168 3.43 0.96 -9.70
CA ASP A 168 4.32 -0.05 -10.22
C ASP A 168 4.50 0.26 -11.72
N GLY A 169 5.66 0.81 -12.05
CA GLY A 169 5.94 1.23 -13.43
C GLY A 169 6.09 0.09 -14.45
N ILE A 170 6.23 -1.15 -13.96
CA ILE A 170 6.36 -2.30 -14.86
C ILE A 170 4.94 -2.80 -15.22
N SER A 171 4.06 -2.98 -14.20
CA SER A 171 2.75 -3.47 -14.46
C SER A 171 1.73 -2.33 -14.79
N LYS A 172 2.18 -1.08 -14.61
CA LYS A 172 1.36 0.10 -14.88
C LYS A 172 0.08 0.14 -14.03
N ILE A 173 0.29 0.00 -12.72
CA ILE A 173 -0.82 -0.09 -11.76
C ILE A 173 -0.62 0.90 -10.60
N LEU A 174 -1.66 1.75 -10.40
CA LEU A 174 -1.73 2.69 -9.29
C LEU A 174 -2.59 2.06 -8.17
N THR A 175 -2.08 2.11 -6.95
CA THR A 175 -2.77 1.55 -5.80
C THR A 175 -2.78 2.53 -4.65
N ALA A 176 -3.92 2.59 -3.97
CA ALA A 176 -4.05 3.29 -2.68
C ALA A 176 -4.52 2.30 -1.60
N PHE A 177 -3.83 2.37 -0.46
CA PHE A 177 -4.27 1.76 0.78
C PHE A 177 -4.52 2.87 1.78
N VAL A 178 -5.70 2.92 2.38
CA VAL A 178 -5.99 3.95 3.37
C VAL A 178 -6.39 3.21 4.66
N THR A 179 -5.84 3.63 5.78
CA THR A 179 -6.01 2.95 7.06
C THR A 179 -6.37 3.96 8.15
N TYR A 180 -7.30 3.55 9.01
CA TYR A 180 -7.67 4.32 10.20
C TYR A 180 -7.34 3.49 11.46
N PRO A 181 -6.78 4.17 12.47
CA PRO A 181 -6.44 3.45 13.70
C PRO A 181 -7.72 2.94 14.41
N ASP A 182 -7.82 1.61 14.61
CA ASP A 182 -9.07 1.03 15.12
C ASP A 182 -10.32 1.36 14.28
N GLY A 183 -10.08 1.53 12.98
CA GLY A 183 -11.13 1.84 12.05
C GLY A 183 -10.97 1.08 10.76
N GLY A 184 -11.57 1.61 9.70
CA GLY A 184 -11.53 0.94 8.43
C GLY A 184 -10.24 0.99 7.64
N ASN A 185 -10.09 -0.01 6.76
CA ASN A 185 -9.01 -0.06 5.79
C ASN A 185 -9.66 -0.15 4.43
N TYR A 186 -8.99 0.49 3.45
CA TYR A 186 -9.56 0.66 2.11
C TYR A 186 -8.47 0.38 1.10
N VAL A 187 -8.83 -0.36 0.06
CA VAL A 187 -7.91 -0.77 -0.99
C VAL A 187 -8.50 -0.49 -2.37
N LEU A 188 -7.73 0.24 -3.21
CA LEU A 188 -8.15 0.53 -4.59
C LEU A 188 -6.97 0.43 -5.49
N SER A 189 -7.12 -0.31 -6.59
CA SER A 189 -6.02 -0.45 -7.58
C SER A 189 -6.62 -0.24 -8.97
N HIS A 190 -5.81 0.32 -9.88
CA HIS A 190 -6.26 0.58 -11.23
C HIS A 190 -5.11 0.60 -12.18
N VAL A 191 -5.33 -0.09 -13.33
CA VAL A 191 -4.33 -0.04 -14.42
C VAL A 191 -4.43 1.32 -15.12
N VAL A 192 -3.29 1.99 -15.18
CA VAL A 192 -3.16 3.23 -15.92
C VAL A 192 -1.71 3.48 -16.21
N ASP A 193 -1.44 3.86 -17.48
CA ASP A 193 -0.05 4.14 -17.89
C ASP A 193 0.32 5.62 -17.70
N LEU A 194 0.84 5.97 -16.53
CA LEU A 194 1.07 7.35 -16.18
C LEU A 194 2.09 8.00 -17.10
N ALA A 195 3.09 7.24 -17.56
CA ALA A 195 4.07 7.80 -18.47
C ALA A 195 3.46 8.21 -19.80
N GLU A 196 2.43 7.50 -20.24
CA GLU A 196 1.73 7.83 -21.45
C GLU A 196 0.90 9.08 -21.27
N ILE A 197 0.21 9.22 -20.13
CA ILE A 197 -0.55 10.46 -19.87
C ILE A 197 0.41 11.67 -19.70
N PHE A 198 1.54 11.49 -19.04
CA PHE A 198 2.48 12.49 -18.64
C PHE A 198 3.86 12.24 -19.24
N PRO A 199 4.02 12.66 -20.50
CA PRO A 199 5.33 12.38 -21.13
C PRO A 199 6.48 13.23 -20.72
N GLY A 200 6.19 14.30 -20.00
CA GLY A 200 7.21 15.20 -19.50
C GLY A 200 7.41 15.14 -18.01
N ASP A 201 7.45 16.32 -17.46
CA ASP A 201 7.57 16.56 -16.02
C ASP A 201 6.18 16.57 -15.37
N VAL A 202 6.14 16.11 -14.11
CA VAL A 202 4.97 16.24 -13.25
C VAL A 202 5.40 16.68 -11.85
N ARG A 203 4.42 17.24 -11.10
CA ARG A 203 4.60 17.42 -9.65
C ARG A 203 3.53 16.60 -8.94
N ILE A 204 3.83 16.27 -7.69
CA ILE A 204 2.88 15.58 -6.82
C ILE A 204 2.53 16.52 -5.65
N GLY A 205 1.28 16.45 -5.20
CA GLY A 205 0.84 17.27 -4.12
C GLY A 205 -0.61 17.02 -3.73
N PHE A 206 -1.17 17.95 -2.97
CA PHE A 206 -2.49 17.83 -2.43
C PHE A 206 -3.38 18.99 -2.91
N SER A 207 -4.65 18.70 -3.05
CA SER A 207 -5.64 19.73 -3.37
C SER A 207 -6.81 19.51 -2.45
N GLY A 208 -7.30 20.57 -1.82
CA GLY A 208 -8.47 20.51 -0.97
C GLY A 208 -9.47 21.53 -1.40
N ALA A 209 -10.72 21.32 -1.07
CA ALA A 209 -11.78 22.27 -1.42
C ALA A 209 -12.94 22.27 -0.45
N THR A 210 -13.50 23.47 -0.28
CA THR A 210 -14.80 23.67 0.32
C THR A 210 -15.74 24.29 -0.72
N GLY A 211 -17.03 24.27 -0.49
CA GLY A 211 -17.73 23.48 0.47
C GLY A 211 -18.05 24.21 1.75
N GLN A 212 -18.04 23.50 2.89
CA GLN A 212 -18.52 24.08 4.17
C GLN A 212 -18.14 23.13 5.29
N TYR A 213 -17.88 23.67 6.48
CA TYR A 213 -17.83 22.87 7.72
C TYR A 213 -16.74 21.82 7.71
N GLU A 214 -15.67 22.05 6.93
CA GLU A 214 -14.59 21.07 6.81
C GLU A 214 -13.27 21.76 6.57
N THR A 215 -12.21 21.28 7.21
CA THR A 215 -10.85 21.62 6.89
C THR A 215 -10.05 20.35 6.84
N GLN A 216 -9.13 20.28 5.91
CA GLN A 216 -8.30 19.11 5.65
C GLN A 216 -6.83 19.47 5.96
N TYR A 217 -6.15 18.60 6.75
CA TYR A 217 -4.81 18.81 7.18
C TYR A 217 -3.94 17.62 6.84
N ILE A 218 -2.76 17.91 6.30
CA ILE A 218 -1.74 16.87 6.10
C ILE A 218 -0.67 17.03 7.18
N HIS A 219 -0.47 15.95 7.95
CA HIS A 219 0.42 15.98 9.11
C HIS A 219 1.88 15.54 8.82
N SER A 220 2.06 14.67 7.83
CA SER A 220 3.34 14.11 7.51
C SER A 220 3.27 13.62 6.09
N TRP A 221 4.43 13.49 5.42
CA TRP A 221 4.45 13.05 4.01
C TRP A 221 5.85 12.60 3.65
N SER A 222 5.96 11.43 3.00
CA SER A 222 7.24 11.07 2.40
C SER A 222 7.01 10.43 1.04
N PHE A 223 8.03 10.46 0.21
CA PHE A 223 7.92 9.99 -1.17
C PHE A 223 9.26 9.43 -1.62
N SER A 224 9.23 8.39 -2.45
CA SER A 224 10.41 7.94 -3.16
C SER A 224 10.05 7.44 -4.54
N SER A 225 10.86 7.73 -5.55
CA SER A 225 10.68 7.14 -6.82
C SER A 225 11.98 6.51 -7.28
N THR A 226 11.85 5.44 -8.08
CA THR A 226 13.05 4.65 -8.51
C THR A 226 12.86 4.30 -9.98
N SER A 227 13.98 4.20 -10.70
CA SER A 227 13.97 3.72 -12.06
C SER A 227 13.63 2.19 -12.13
N THR A 228 12.83 1.79 -13.12
CA THR A 228 12.56 0.41 -13.45
C THR A 228 13.47 -0.09 -14.61
N ASN A 229 14.44 0.73 -15.07
CA ASN A 229 15.70 0.22 -15.78
C ASN A 229 16.78 -0.46 -14.94
N SER B 1 -15.36 -13.32 2.12
CA SER B 1 -16.03 -13.18 3.42
C SER B 1 -15.34 -12.09 4.21
N GLU B 2 -15.98 -11.72 5.34
CA GLU B 2 -15.47 -10.70 6.23
C GLU B 2 -14.72 -11.31 7.43
N LEU B 3 -13.50 -10.90 7.61
CA LEU B 3 -12.59 -11.36 8.66
C LEU B 3 -11.71 -10.20 9.04
N SER B 4 -11.54 -9.95 10.35
CA SER B 4 -10.53 -9.02 10.83
C SER B 4 -9.82 -9.57 12.05
N PHE B 5 -8.55 -9.29 12.11
CA PHE B 5 -7.71 -9.60 13.30
C PHE B 5 -6.56 -8.64 13.45
N ASN B 6 -5.99 -8.58 14.65
CA ASN B 6 -4.99 -7.60 14.92
C ASN B 6 -4.11 -8.04 16.05
N TYR B 7 -2.85 -8.23 15.67
CA TYR B 7 -1.73 -8.59 16.59
C TYR B 7 -0.71 -7.49 16.59
N PRO B 8 -0.82 -6.48 17.52
CA PRO B 8 0.22 -5.44 17.55
C PRO B 8 1.61 -5.90 17.90
N ASN B 9 1.61 -7.09 18.53
CA ASN B 9 2.81 -7.88 18.82
C ASN B 9 2.27 -9.30 19.07
N PHE B 10 3.20 -10.20 19.33
CA PHE B 10 2.81 -11.60 19.62
C PHE B 10 3.06 -12.02 21.09
N GLN B 11 2.74 -11.10 21.97
CA GLN B 11 2.37 -11.44 23.35
C GLN B 11 1.13 -12.28 23.45
N SER B 12 0.28 -12.30 22.42
CA SER B 12 -0.74 -13.25 22.24
C SER B 12 -0.50 -13.95 20.88
N VAL B 13 -0.67 -15.27 20.90
CA VAL B 13 -0.78 -16.11 19.68
C VAL B 13 -2.08 -16.86 19.62
N GLU B 14 -3.12 -16.31 20.25
CA GLU B 14 -4.38 -16.96 20.48
C GLU B 14 -4.95 -17.68 19.30
N ASP B 15 -4.90 -17.05 18.11
CA ASP B 15 -5.48 -17.61 16.90
C ASP B 15 -4.45 -18.09 15.89
N ILE B 16 -3.19 -18.28 16.27
CA ILE B 16 -2.14 -18.65 15.36
C ILE B 16 -1.90 -20.17 15.50
N THR B 17 -1.79 -20.87 14.37
CA THR B 17 -1.41 -22.29 14.29
C THR B 17 0.04 -22.30 13.81
N PHE B 18 0.86 -23.12 14.49
CA PHE B 18 2.28 -23.35 14.24
C PHE B 18 2.44 -24.71 13.63
N GLN B 19 3.21 -24.75 12.55
CA GLN B 19 3.50 -26.01 11.82
C GLN B 19 4.95 -26.08 11.45
N GLY B 20 5.45 -27.32 11.39
CA GLY B 20 6.83 -27.50 11.02
C GLY B 20 7.77 -26.88 12.03
N GLY B 21 8.73 -26.13 11.60
CA GLY B 21 9.74 -25.55 12.46
C GLY B 21 9.37 -24.20 13.08
N ALA B 22 8.13 -23.71 12.92
CA ALA B 22 7.78 -22.38 13.40
C ALA B 22 7.31 -22.44 14.89
N SER B 23 7.57 -21.36 15.64
CA SER B 23 7.17 -21.34 17.03
C SER B 23 7.04 -19.91 17.50
N PRO B 24 6.38 -19.71 18.63
CA PRO B 24 6.34 -18.37 19.25
C PRO B 24 7.56 -18.16 20.12
N ARG B 25 8.34 -17.13 19.90
CA ARG B 25 9.52 -16.84 20.66
C ARG B 25 9.76 -15.34 20.74
N ASN B 26 10.09 -14.80 21.89
CA ASN B 26 10.42 -13.41 22.07
C ASN B 26 9.36 -12.42 21.57
N GLU B 27 8.13 -12.85 21.81
CA GLU B 27 6.97 -12.10 21.51
C GLU B 27 6.88 -11.80 19.97
N THR B 28 7.38 -12.77 19.21
CA THR B 28 7.32 -12.77 17.71
C THR B 28 6.88 -14.15 17.20
N LEU B 29 6.65 -14.29 15.92
CA LEU B 29 6.57 -15.58 15.24
C LEU B 29 7.90 -15.88 14.68
N GLN B 30 8.55 -16.94 15.18
CA GLN B 30 9.84 -17.35 14.68
C GLN B 30 9.64 -18.47 13.65
N LEU B 31 9.88 -18.18 12.36
CA LEU B 31 9.38 -19.08 11.32
C LEU B 31 10.22 -20.38 11.15
N THR B 32 11.55 -20.30 11.49
CA THR B 32 12.43 -21.44 11.37
C THR B 32 13.23 -21.54 12.67
N PRO B 33 13.58 -22.79 13.05
CA PRO B 33 14.10 -22.99 14.39
C PRO B 33 15.59 -22.65 14.57
N THR B 34 15.97 -22.40 15.82
CA THR B 34 17.34 -22.20 16.21
C THR B 34 17.68 -23.23 17.28
N ASP B 35 18.95 -23.53 17.37
CA ASP B 35 19.39 -24.57 18.35
C ASP B 35 19.58 -23.92 19.72
N SER B 36 20.03 -24.70 20.70
CA SER B 36 20.15 -24.22 22.08
C SER B 36 21.16 -23.08 22.21
N ASN B 37 22.04 -22.91 21.22
CA ASN B 37 22.99 -21.77 21.21
C ASN B 37 22.55 -20.59 20.32
N GLY B 38 21.29 -20.62 19.89
CA GLY B 38 20.73 -19.58 19.03
C GLY B 38 21.17 -19.64 17.58
N ILE B 39 21.76 -20.73 17.13
CA ILE B 39 22.29 -20.86 15.77
C ILE B 39 21.14 -21.39 14.89
N PRO B 40 20.88 -20.72 13.77
CA PRO B 40 19.83 -21.24 12.86
C PRO B 40 20.09 -22.68 12.41
N ILE B 41 19.06 -23.47 12.42
CA ILE B 41 19.16 -24.89 12.03
C ILE B 41 18.93 -24.95 10.49
N ARG B 42 19.83 -25.65 9.80
CA ARG B 42 19.76 -25.79 8.36
C ARG B 42 18.69 -26.73 7.92
N GLN B 43 18.18 -26.44 6.71
CA GLN B 43 17.20 -27.33 6.06
C GLN B 43 15.96 -27.57 6.86
N ARG B 44 15.32 -26.46 7.26
CA ARG B 44 14.06 -26.53 7.96
C ARG B 44 13.05 -25.55 7.32
N ALA B 45 11.79 -25.86 7.45
CA ALA B 45 10.72 -24.92 7.06
C ALA B 45 9.67 -24.87 8.13
N GLY B 46 8.94 -23.75 8.22
CA GLY B 46 7.87 -23.64 9.17
C GLY B 46 6.78 -22.73 8.63
N HIS B 47 5.55 -22.94 9.07
CA HIS B 47 4.43 -22.02 8.81
C HIS B 47 3.85 -21.57 10.12
N ALA B 48 3.40 -20.32 10.13
CA ALA B 48 2.62 -19.76 11.21
C ALA B 48 1.40 -19.13 10.53
N VAL B 49 0.19 -19.65 10.78
CA VAL B 49 -0.98 -19.28 10.00
C VAL B 49 -2.06 -18.79 10.90
N TYR B 50 -2.92 -17.91 10.40
CA TYR B 50 -4.16 -17.53 11.10
C TYR B 50 -5.09 -18.70 11.03
N SER B 51 -5.56 -19.20 12.20
CA SER B 51 -6.14 -20.52 12.23
C SER B 51 -7.49 -20.65 11.54
N GLN B 52 -8.24 -19.55 11.34
CA GLN B 52 -9.60 -19.62 10.77
C GLN B 52 -9.63 -19.45 9.27
N PRO B 53 -10.38 -20.32 8.58
CA PRO B 53 -10.50 -20.12 7.12
C PRO B 53 -11.42 -18.95 6.81
N PHE B 54 -11.21 -18.43 5.60
CA PHE B 54 -12.09 -17.39 5.05
C PHE B 54 -12.27 -17.67 3.56
N GLN B 55 -13.17 -16.92 2.91
CA GLN B 55 -13.42 -17.13 1.49
C GLN B 55 -13.00 -15.84 0.76
N LEU B 56 -12.68 -15.98 -0.49
CA LEU B 56 -12.21 -14.89 -1.40
C LEU B 56 -13.24 -14.49 -2.44
N ARG B 57 -14.38 -15.13 -2.53
CA ARG B 57 -15.36 -14.70 -3.56
C ARG B 57 -15.86 -13.28 -3.17
N ASP B 58 -15.87 -12.36 -4.17
CA ASP B 58 -16.42 -11.01 -3.94
C ASP B 58 -15.83 -10.33 -2.68
N THR B 59 -14.48 -10.41 -2.59
CA THR B 59 -13.76 -9.95 -1.43
C THR B 59 -12.54 -9.12 -1.79
N SER B 60 -12.31 -8.05 -1.03
CA SER B 60 -11.05 -7.33 -1.02
C SER B 60 -10.42 -7.52 0.37
N PHE B 61 -9.12 -7.37 0.46
CA PHE B 61 -8.48 -7.44 1.75
C PHE B 61 -7.27 -6.55 1.84
N TYR B 62 -6.89 -6.22 3.08
CA TYR B 62 -5.70 -5.46 3.40
C TYR B 62 -5.02 -6.17 4.59
N THR B 63 -3.75 -6.38 4.45
CA THR B 63 -2.97 -6.96 5.59
C THR B 63 -1.62 -6.24 5.68
N THR B 64 -1.13 -6.12 6.91
CA THR B 64 0.17 -5.50 7.11
C THR B 64 0.88 -6.26 8.22
N PHE B 65 2.20 -6.32 8.13
CA PHE B 65 3.00 -6.97 9.16
C PHE B 65 4.34 -6.32 9.21
N THR B 66 4.99 -6.49 10.37
CA THR B 66 6.36 -6.10 10.49
C THR B 66 7.24 -7.32 10.67
N PHE B 67 8.50 -7.22 10.25
CA PHE B 67 9.39 -8.39 10.31
C PHE B 67 10.82 -7.98 10.44
N VAL B 68 11.60 -8.94 10.89
CA VAL B 68 13.05 -8.83 10.97
C VAL B 68 13.68 -10.07 10.36
N ILE B 69 14.72 -9.89 9.57
CA ILE B 69 15.57 -10.99 9.17
C ILE B 69 16.91 -10.86 9.89
N ARG B 70 17.23 -11.88 10.69
CA ARG B 70 18.48 -11.94 11.45
C ARG B 70 19.43 -12.83 10.65
N THR B 71 20.50 -12.29 10.16
CA THR B 71 21.52 -13.06 9.47
C THR B 71 22.79 -13.14 10.30
N THR B 72 23.49 -14.24 10.10
CA THR B 72 24.73 -14.49 10.80
C THR B 72 25.93 -14.66 9.86
N SER B 73 25.73 -14.40 8.58
CA SER B 73 26.76 -14.39 7.60
C SER B 73 26.30 -13.60 6.37
N ASN B 74 27.21 -13.37 5.46
CA ASN B 74 26.95 -12.67 4.21
C ASN B 74 26.30 -13.54 3.14
N SER B 75 26.07 -14.82 3.45
CA SER B 75 25.33 -15.75 2.58
C SER B 75 24.11 -16.42 3.28
N PRO B 76 23.15 -15.61 3.73
CA PRO B 76 21.98 -16.18 4.35
C PRO B 76 21.07 -16.90 3.31
N ALA B 77 20.34 -17.88 3.76
CA ALA B 77 19.30 -18.50 2.96
C ALA B 77 18.21 -19.01 3.84
N ASP B 78 16.96 -19.09 3.38
CA ASP B 78 16.46 -18.83 2.01
C ASP B 78 15.46 -17.68 1.87
N GLY B 79 14.86 -17.29 2.99
CA GLY B 79 13.83 -16.25 2.97
C GLY B 79 12.53 -16.66 3.59
N PHE B 80 11.47 -15.87 3.33
CA PHE B 80 10.18 -16.17 3.85
C PHE B 80 9.12 -15.58 2.90
N ALA B 81 7.87 -15.91 3.14
CA ALA B 81 6.74 -15.42 2.40
C ALA B 81 5.55 -15.30 3.24
N ILE B 82 4.68 -14.34 2.86
CA ILE B 82 3.28 -14.36 3.29
C ILE B 82 2.47 -15.06 2.18
N PHE B 83 1.59 -16.02 2.54
CA PHE B 83 0.90 -16.82 1.52
C PHE B 83 -0.57 -17.03 1.81
N ILE B 84 -1.32 -17.32 0.73
CA ILE B 84 -2.69 -17.78 0.81
C ILE B 84 -2.75 -19.11 0.11
N ALA B 85 -3.49 -20.06 0.72
CA ALA B 85 -3.61 -21.39 0.14
C ALA B 85 -4.81 -22.07 0.83
N PRO B 86 -5.21 -23.26 0.35
CA PRO B 86 -6.32 -23.93 1.02
C PRO B 86 -5.98 -24.27 2.52
N PRO B 87 -7.03 -24.58 3.30
CA PRO B 87 -6.75 -24.68 4.72
C PRO B 87 -5.89 -25.90 5.12
N ASP B 88 -5.86 -26.93 4.29
CA ASP B 88 -4.99 -28.10 4.48
C ASP B 88 -3.63 -28.00 3.92
N PHE B 89 -3.27 -26.82 3.38
CA PHE B 89 -1.96 -26.66 2.81
C PHE B 89 -0.92 -26.89 3.88
N PRO B 90 0.02 -27.84 3.62
CA PRO B 90 1.04 -28.15 4.63
C PRO B 90 2.33 -27.39 4.42
N VAL B 91 3.22 -27.45 5.42
CA VAL B 91 4.61 -27.04 5.25
C VAL B 91 5.26 -27.91 4.20
N LYS B 92 5.76 -27.29 3.15
CA LYS B 92 6.47 -28.02 2.07
C LYS B 92 7.95 -27.91 2.20
N ARG B 93 8.69 -28.07 1.11
CA ARG B 93 10.12 -28.29 1.19
C ARG B 93 10.88 -27.09 1.65
N TYR B 94 11.92 -27.34 2.48
CA TYR B 94 12.84 -26.34 2.94
C TYR B 94 13.76 -25.86 1.82
N GLY B 95 14.79 -25.11 2.17
CA GLY B 95 15.65 -24.53 1.13
C GLY B 95 14.93 -23.53 0.25
N GLY B 96 15.34 -23.51 -1.04
CA GLY B 96 14.79 -22.47 -1.95
C GLY B 96 13.33 -22.60 -2.27
N TYR B 97 12.69 -23.74 -1.90
CA TYR B 97 11.25 -23.97 -2.05
C TYR B 97 10.40 -23.12 -1.06
N LEU B 98 11.09 -22.54 -0.06
CA LEU B 98 10.52 -21.55 0.85
C LEU B 98 9.41 -22.09 1.72
N GLY B 99 9.35 -23.42 1.89
CA GLY B 99 8.23 -24.05 2.55
C GLY B 99 6.90 -24.03 1.83
N LEU B 100 6.94 -23.68 0.51
CA LEU B 100 5.72 -23.50 -0.25
C LEU B 100 5.51 -24.45 -1.42
N PHE B 101 6.58 -25.15 -1.80
CA PHE B 101 6.56 -26.00 -3.03
C PHE B 101 7.29 -27.30 -2.77
N GLU B 102 7.02 -28.22 -3.68
CA GLU B 102 7.48 -29.61 -3.72
C GLU B 102 8.52 -29.61 -4.92
N PRO B 103 9.72 -30.21 -4.78
CA PRO B 103 10.63 -30.21 -5.90
C PRO B 103 10.04 -30.73 -7.20
N ASN B 104 9.20 -31.76 -7.14
CA ASN B 104 8.68 -32.37 -8.35
C ASN B 104 7.71 -31.56 -9.16
N THR B 105 7.13 -30.53 -8.50
CA THR B 105 6.06 -29.75 -9.13
C THR B 105 6.23 -28.22 -8.94
N ALA B 106 7.40 -27.80 -8.51
CA ALA B 106 7.59 -26.37 -8.00
C ALA B 106 7.30 -25.33 -9.12
N THR B 107 7.56 -25.69 -10.40
CA THR B 107 7.36 -24.76 -11.51
C THR B 107 6.11 -25.05 -12.33
N ASN B 108 5.29 -26.00 -11.86
CA ASN B 108 4.12 -26.51 -12.57
C ASN B 108 2.89 -25.77 -12.03
N THR B 109 2.42 -24.74 -12.73
CA THR B 109 1.30 -23.93 -12.23
C THR B 109 -0.01 -24.70 -12.06
N SER B 110 -0.22 -25.75 -12.88
CA SER B 110 -1.40 -26.60 -12.76
C SER B 110 -1.39 -27.49 -11.53
N ALA B 111 -0.21 -27.68 -10.92
CA ALA B 111 -0.02 -28.59 -9.82
C ALA B 111 -0.03 -27.93 -8.49
N ASN B 112 -0.18 -26.62 -8.43
CA ASN B 112 -0.14 -25.88 -7.17
C ASN B 112 -1.32 -24.99 -7.03
N LYS B 113 -1.67 -24.66 -5.78
CA LYS B 113 -2.76 -23.72 -5.45
C LYS B 113 -2.25 -22.88 -4.26
N VAL B 114 -1.41 -21.88 -4.57
CA VAL B 114 -0.80 -21.06 -3.53
C VAL B 114 -0.35 -19.73 -4.18
N VAL B 115 -0.68 -18.62 -3.54
CA VAL B 115 -0.23 -17.27 -3.96
C VAL B 115 0.52 -16.63 -2.82
N ALA B 116 1.68 -16.03 -3.12
CA ALA B 116 2.56 -15.55 -2.06
C ALA B 116 3.24 -14.27 -2.45
N VAL B 117 3.67 -13.54 -1.44
CA VAL B 117 4.63 -12.48 -1.60
C VAL B 117 5.90 -12.99 -0.89
N GLU B 118 6.97 -13.16 -1.64
CA GLU B 118 8.18 -13.79 -1.12
C GLU B 118 9.31 -12.76 -0.98
N PHE B 119 10.15 -12.98 0.04
CA PHE B 119 11.30 -12.20 0.40
C PHE B 119 12.50 -13.18 0.28
N ASP B 120 13.21 -13.13 -0.83
CA ASP B 120 14.14 -14.20 -1.20
C ASP B 120 15.60 -13.76 -1.00
N THR B 121 16.25 -14.38 -0.01
CA THR B 121 17.62 -13.98 0.31
C THR B 121 18.69 -14.78 -0.41
N TRP B 122 18.31 -15.82 -1.19
CA TRP B 122 19.34 -16.73 -1.75
C TRP B 122 18.99 -16.95 -3.24
N VAL B 123 19.93 -16.58 -4.10
CA VAL B 123 19.79 -16.78 -5.57
C VAL B 123 19.92 -18.27 -5.89
N ASN B 124 18.82 -18.85 -6.38
CA ASN B 124 18.76 -20.24 -6.85
C ASN B 124 19.01 -20.28 -8.36
N THR B 125 19.85 -21.24 -8.78
CA THR B 125 20.03 -21.52 -10.19
C THR B 125 19.20 -22.69 -10.66
N GLU B 126 18.48 -23.38 -9.77
CA GLU B 126 17.74 -24.56 -10.11
C GLU B 126 16.43 -24.23 -10.88
N TRP B 127 16.02 -22.96 -10.86
CA TRP B 127 14.89 -22.48 -11.62
C TRP B 127 15.19 -21.03 -11.90
N LYS B 128 14.35 -20.42 -12.75
CA LYS B 128 14.56 -19.02 -13.14
C LYS B 128 14.20 -18.10 -11.94
N GLU B 129 15.19 -17.30 -11.56
CA GLU B 129 14.97 -16.15 -10.68
C GLU B 129 16.15 -15.19 -10.86
N PRO B 130 16.00 -13.95 -10.41
CA PRO B 130 17.03 -12.97 -10.65
C PRO B 130 18.38 -13.31 -10.01
N ARG B 131 19.45 -12.71 -10.50
CA ARG B 131 20.76 -12.93 -10.01
C ARG B 131 21.15 -12.13 -8.76
N TYR B 132 20.16 -11.57 -8.11
CA TYR B 132 20.28 -10.78 -6.93
C TYR B 132 19.12 -11.12 -6.02
N ARG B 133 19.29 -10.75 -4.76
CA ARG B 133 18.19 -10.90 -3.79
C ARG B 133 16.98 -10.09 -4.24
N HIS B 134 15.79 -10.57 -3.93
CA HIS B 134 14.59 -10.04 -4.57
C HIS B 134 13.36 -10.28 -3.78
N ILE B 135 12.36 -9.45 -4.02
CA ILE B 135 11.00 -9.58 -3.51
C ILE B 135 10.14 -9.91 -4.71
N GLY B 136 9.20 -10.82 -4.54
CA GLY B 136 8.38 -11.26 -5.64
C GLY B 136 6.99 -11.67 -5.32
N ILE B 137 6.12 -11.62 -6.32
CA ILE B 137 4.74 -12.18 -6.21
C ILE B 137 4.74 -13.52 -6.96
N ASP B 138 4.34 -14.53 -6.23
CA ASP B 138 4.26 -15.89 -6.72
C ASP B 138 2.81 -16.31 -6.93
N VAL B 139 2.50 -16.93 -8.11
CA VAL B 139 1.18 -17.45 -8.35
C VAL B 139 1.36 -18.89 -8.88
N ASN B 140 1.21 -19.83 -7.95
CA ASN B 140 1.22 -21.25 -8.27
C ASN B 140 2.56 -21.75 -8.79
N SER B 141 3.66 -21.05 -8.52
CA SER B 141 4.97 -21.44 -8.97
C SER B 141 6.04 -20.74 -8.17
N ILE B 142 7.18 -21.40 -8.01
CA ILE B 142 8.33 -20.79 -7.41
C ILE B 142 9.01 -19.69 -8.26
N VAL B 143 8.69 -19.69 -9.57
CA VAL B 143 9.15 -18.68 -10.47
C VAL B 143 8.17 -17.50 -10.45
N SER B 144 8.61 -16.44 -9.80
CA SER B 144 7.72 -15.26 -9.54
C SER B 144 7.19 -14.67 -10.85
N VAL B 145 5.95 -14.29 -10.80
CA VAL B 145 5.31 -13.60 -11.91
C VAL B 145 5.70 -12.12 -12.00
N ARG B 146 6.11 -11.55 -10.89
CA ARG B 146 6.49 -10.12 -10.79
C ARG B 146 7.57 -10.10 -9.76
N VAL B 147 8.73 -9.52 -10.08
CA VAL B 147 9.85 -9.61 -9.16
C VAL B 147 10.67 -8.30 -9.25
N THR B 148 11.28 -7.88 -8.11
CA THR B 148 12.10 -6.72 -8.09
C THR B 148 13.30 -6.88 -7.17
N ARG B 149 14.40 -6.20 -7.46
CA ARG B 149 15.60 -6.25 -6.64
C ARG B 149 15.31 -5.82 -5.23
N TRP B 150 15.87 -6.57 -4.29
CA TRP B 150 15.82 -6.25 -2.89
C TRP B 150 17.22 -5.82 -2.50
N GLN B 151 17.38 -4.56 -2.05
CA GLN B 151 18.72 -4.01 -1.84
C GLN B 151 19.40 -4.70 -0.65
N ASP B 152 20.68 -5.04 -0.84
CA ASP B 152 21.41 -5.67 0.27
C ASP B 152 21.47 -4.80 1.53
N LYS B 153 21.54 -3.49 1.38
CA LYS B 153 21.53 -2.62 2.56
C LYS B 153 20.26 -2.86 3.41
N ASP B 154 19.14 -3.03 2.73
CA ASP B 154 17.87 -3.35 3.46
C ASP B 154 17.89 -4.83 3.99
N VAL B 155 18.31 -5.78 3.16
CA VAL B 155 18.36 -7.22 3.56
C VAL B 155 19.12 -7.33 4.92
N PHE B 156 20.28 -6.71 4.98
CA PHE B 156 21.19 -6.83 6.15
C PHE B 156 21.02 -5.76 7.25
N SER B 157 19.98 -4.93 7.13
CA SER B 157 19.83 -3.79 8.01
C SER B 157 19.54 -4.14 9.46
N ARG B 158 18.95 -5.33 9.70
CA ARG B 158 18.44 -5.66 11.05
C ARG B 158 17.29 -4.75 11.50
N SER B 159 16.72 -4.04 10.55
CA SER B 159 15.65 -3.17 10.88
C SER B 159 14.37 -3.96 11.02
N ILE B 160 13.41 -3.43 11.76
CA ILE B 160 12.05 -3.89 11.69
C ILE B 160 11.42 -3.24 10.47
N ALA B 161 11.19 -4.02 9.46
CA ALA B 161 10.61 -3.55 8.20
C ALA B 161 9.11 -3.80 8.22
N THR B 162 8.43 -3.13 7.28
CA THR B 162 6.98 -3.24 7.17
C THR B 162 6.62 -3.72 5.79
N ALA B 163 5.58 -4.57 5.73
CA ALA B 163 4.94 -4.90 4.48
C ALA B 163 3.45 -4.60 4.57
N HIS B 164 2.94 -4.19 3.44
CA HIS B 164 1.52 -3.94 3.24
C HIS B 164 1.11 -4.76 2.03
N VAL B 165 0.13 -5.65 2.17
CA VAL B 165 -0.32 -6.43 1.05
C VAL B 165 -1.83 -6.30 0.92
N GLY B 166 -2.28 -5.86 -0.26
CA GLY B 166 -3.69 -5.70 -0.48
C GLY B 166 -4.20 -6.36 -1.73
N TYR B 167 -5.50 -6.66 -1.72
CA TYR B 167 -6.13 -7.20 -2.89
C TYR B 167 -7.42 -6.47 -3.14
N ASP B 168 -7.51 -5.93 -4.35
CA ASP B 168 -8.69 -5.22 -4.78
C ASP B 168 -9.53 -6.26 -5.56
N GLY B 169 -10.65 -6.70 -4.97
CA GLY B 169 -11.42 -7.69 -5.59
C GLY B 169 -12.26 -7.30 -6.81
N ILE B 170 -12.35 -5.99 -7.06
CA ILE B 170 -13.04 -5.46 -8.25
C ILE B 170 -12.08 -5.52 -9.42
N SER B 171 -10.90 -4.92 -9.28
CA SER B 171 -9.91 -4.89 -10.33
C SER B 171 -9.09 -6.16 -10.45
N LYS B 172 -9.16 -7.03 -9.41
CA LYS B 172 -8.43 -8.30 -9.36
C LYS B 172 -6.90 -8.04 -9.38
N ILE B 173 -6.47 -7.16 -8.46
CA ILE B 173 -5.08 -6.79 -8.41
C ILE B 173 -4.55 -6.99 -7.00
N LEU B 174 -3.42 -7.72 -6.98
CA LEU B 174 -2.67 -7.95 -5.73
C LEU B 174 -1.46 -7.04 -5.70
N THR B 175 -1.26 -6.29 -4.61
CA THR B 175 -0.18 -5.34 -4.50
C THR B 175 0.56 -5.54 -3.17
N ALA B 176 1.87 -5.36 -3.24
CA ALA B 176 2.68 -5.29 -2.04
C ALA B 176 3.47 -3.98 -2.02
N PHE B 177 3.46 -3.31 -0.88
CA PHE B 177 4.37 -2.22 -0.60
C PHE B 177 5.28 -2.67 0.57
N VAL B 178 6.59 -2.59 0.42
CA VAL B 178 7.51 -2.98 1.49
C VAL B 178 8.35 -1.73 1.82
N THR B 179 8.47 -1.39 3.10
CA THR B 179 9.20 -0.18 3.55
C THR B 179 10.21 -0.49 4.61
N TYR B 180 11.35 0.18 4.54
CA TYR B 180 12.40 0.10 5.57
C TYR B 180 12.60 1.46 6.17
N PRO B 181 12.75 1.52 7.50
CA PRO B 181 12.97 2.83 8.11
C PRO B 181 14.31 3.40 7.64
N ASP B 182 14.29 4.62 7.11
CA ASP B 182 15.48 5.22 6.52
C ASP B 182 16.17 4.32 5.49
N GLY B 183 15.34 3.51 4.82
CA GLY B 183 15.80 2.61 3.77
C GLY B 183 14.92 2.56 2.56
N GLY B 184 14.99 1.44 1.86
CA GLY B 184 14.30 1.32 0.60
C GLY B 184 12.83 1.11 0.76
N ASN B 185 12.13 1.52 -0.30
CA ASN B 185 10.72 1.22 -0.46
C ASN B 185 10.54 0.41 -1.76
N TYR B 186 9.59 -0.49 -1.77
CA TYR B 186 9.39 -1.43 -2.86
C TYR B 186 7.92 -1.50 -3.17
N VAL B 187 7.61 -1.55 -4.45
CA VAL B 187 6.21 -1.60 -4.94
C VAL B 187 6.08 -2.67 -6.01
N LEU B 188 5.18 -3.62 -5.82
CA LEU B 188 4.88 -4.65 -6.77
C LEU B 188 3.41 -4.90 -6.89
N SER B 189 2.87 -4.90 -8.12
CA SER B 189 1.50 -5.17 -8.32
C SER B 189 1.30 -6.16 -9.48
N HIS B 190 0.18 -6.90 -9.44
CA HIS B 190 -0.04 -7.94 -10.40
C HIS B 190 -1.52 -8.28 -10.50
N VAL B 191 -2.03 -8.38 -11.74
CA VAL B 191 -3.43 -8.76 -11.99
C VAL B 191 -3.57 -10.28 -11.82
N VAL B 192 -4.35 -10.72 -10.85
CA VAL B 192 -4.58 -12.13 -10.65
C VAL B 192 -5.99 -12.27 -9.99
N ASP B 193 -6.81 -13.19 -10.50
CA ASP B 193 -8.13 -13.43 -10.01
C ASP B 193 -8.05 -14.51 -8.91
N LEU B 194 -7.95 -13.99 -7.68
CA LEU B 194 -7.81 -14.94 -6.58
C LEU B 194 -9.05 -15.84 -6.37
N ALA B 195 -10.27 -15.33 -6.60
CA ALA B 195 -11.46 -16.13 -6.37
C ALA B 195 -11.47 -17.30 -7.39
N GLU B 196 -10.88 -17.10 -8.59
CA GLU B 196 -10.83 -18.16 -9.59
C GLU B 196 -9.88 -19.27 -9.12
N ILE B 197 -8.73 -18.86 -8.57
CA ILE B 197 -7.80 -19.83 -8.03
C ILE B 197 -8.36 -20.56 -6.82
N PHE B 198 -9.05 -19.80 -5.98
CA PHE B 198 -9.50 -20.31 -4.70
C PHE B 198 -11.03 -20.18 -4.55
N PRO B 199 -11.80 -21.11 -5.15
CA PRO B 199 -13.24 -21.01 -5.11
C PRO B 199 -13.85 -21.39 -3.77
N GLY B 200 -13.02 -22.02 -2.92
CA GLY B 200 -13.54 -22.43 -1.59
C GLY B 200 -12.95 -21.61 -0.45
N ASP B 201 -12.51 -22.33 0.55
CA ASP B 201 -11.86 -21.74 1.70
C ASP B 201 -10.37 -21.60 1.51
N VAL B 202 -9.84 -20.61 2.22
CA VAL B 202 -8.37 -20.38 2.31
C VAL B 202 -7.96 -20.09 3.75
N ARG B 203 -6.64 -20.21 4.03
CA ARG B 203 -6.04 -19.62 5.20
C ARG B 203 -4.84 -18.85 4.74
N ILE B 204 -4.55 -17.75 5.47
CA ILE B 204 -3.38 -16.89 5.24
C ILE B 204 -2.38 -17.13 6.36
N GLY B 205 -1.11 -17.03 5.99
CA GLY B 205 -0.03 -17.16 6.98
C GLY B 205 1.32 -16.93 6.40
N PHE B 206 2.35 -17.29 7.16
CA PHE B 206 3.75 -17.07 6.82
C PHE B 206 4.47 -18.39 6.69
N SER B 207 5.38 -18.45 5.72
CA SER B 207 6.26 -19.59 5.55
C SER B 207 7.69 -19.13 5.52
N GLY B 208 8.58 -19.77 6.28
CA GLY B 208 9.99 -19.45 6.27
C GLY B 208 10.78 -20.72 6.00
N ALA B 209 12.01 -20.53 5.50
CA ALA B 209 12.86 -21.73 5.24
C ALA B 209 14.33 -21.39 5.30
N THR B 210 15.07 -22.38 5.83
CA THR B 210 16.49 -22.42 5.71
C THR B 210 16.86 -23.65 4.85
N GLY B 211 18.08 -23.71 4.29
CA GLY B 211 19.03 -22.66 4.22
C GLY B 211 20.09 -22.66 5.31
N GLN B 212 20.57 -21.49 5.69
CA GLN B 212 21.70 -21.33 6.60
C GLN B 212 21.84 -19.88 7.06
N TYR B 213 22.26 -19.71 8.32
CA TYR B 213 22.69 -18.39 8.83
C TYR B 213 21.60 -17.32 8.74
N GLU B 214 20.38 -17.77 8.91
CA GLU B 214 19.24 -16.84 8.83
C GLU B 214 18.07 -17.32 9.66
N THR B 215 17.41 -16.37 10.32
CA THR B 215 16.15 -16.66 10.97
C THR B 215 15.22 -15.49 10.60
N GLN B 216 13.94 -15.82 10.46
CA GLN B 216 12.91 -14.85 10.03
C GLN B 216 11.92 -14.72 11.16
N TYR B 217 11.59 -13.46 11.52
CA TYR B 217 10.69 -13.22 12.61
C TYR B 217 9.58 -12.26 12.20
N ILE B 218 8.35 -12.58 12.54
CA ILE B 218 7.26 -11.65 12.31
C ILE B 218 6.92 -11.01 13.65
N HIS B 219 6.92 -9.68 13.70
CA HIS B 219 6.76 -8.90 14.95
C HIS B 219 5.35 -8.43 15.20
N SER B 220 4.52 -8.27 14.15
CA SER B 220 3.14 -7.79 14.31
C SER B 220 2.38 -8.14 13.02
N TRP B 221 1.07 -8.19 13.08
CA TRP B 221 0.26 -8.58 11.91
C TRP B 221 -1.15 -8.15 12.16
N SER B 222 -1.75 -7.48 11.15
CA SER B 222 -3.16 -7.23 11.16
C SER B 222 -3.78 -7.51 9.77
N PHE B 223 -5.08 -7.72 9.74
CA PHE B 223 -5.77 -8.18 8.51
C PHE B 223 -7.18 -7.70 8.58
N SER B 224 -7.71 -7.25 7.43
CA SER B 224 -9.14 -7.06 7.27
C SER B 224 -9.60 -7.40 5.88
N SER B 225 -10.73 -8.08 5.75
CA SER B 225 -11.32 -8.38 4.48
C SER B 225 -12.76 -7.87 4.49
N THR B 226 -13.24 -7.44 3.31
CA THR B 226 -14.57 -6.90 3.18
C THR B 226 -15.20 -7.39 1.86
N SER B 227 -16.53 -7.38 1.82
CA SER B 227 -17.23 -7.81 0.65
C SER B 227 -17.23 -6.68 -0.38
N THR B 228 -17.14 -7.06 -1.63
CA THR B 228 -17.25 -6.10 -2.73
C THR B 228 -18.68 -5.95 -3.26
N ASN B 229 -19.66 -6.63 -2.64
CA ASN B 229 -21.15 -6.25 -2.87
C ASN B 229 -21.76 -5.10 -2.04
#